data_7ZUG
#
_entry.id   7ZUG
#
_cell.length_a   81.295
_cell.length_b   81.295
_cell.length_c   30.322
_cell.angle_alpha   90.000
_cell.angle_beta   90.000
_cell.angle_gamma   120.000
#
_symmetry.space_group_name_H-M   'P 62'
#
loop_
_entity.id
_entity.type
_entity.pdbx_description
1 polymer 'Heterogeneous nuclear ribonucleoprotein H, N-terminally processed'
2 non-polymer 'IODIDE ION'
3 non-polymer 'SODIUM ION'
4 non-polymer 'CHLORIDE ION'
5 water water
#
_entity_poly.entity_id   1
_entity_poly.type   'polypeptide(L)'
_entity_poly.pdbx_seq_one_letter_code
;GDWVLKHTGPNSPDTANDGFVRLRGLPFGCSKEEIVQFFSGLEIVPNGITLPVDFQGRSTGEAFVQFASQEIAEKALKKH
KERIGHRYIEIFKSSRAEVRTH
;
_entity_poly.pdbx_strand_id   AAA
#
loop_
_chem_comp.id
_chem_comp.type
_chem_comp.name
_chem_comp.formula
CL non-polymer 'CHLORIDE ION' 'Cl -1'
IOD non-polymer 'IODIDE ION' 'I -1'
NA non-polymer 'SODIUM ION' 'Na 1'
#
# COMPACT_ATOMS: atom_id res chain seq x y z
N ASN A 17 -1.22 -6.95 16.30
CA ASN A 17 -0.87 -5.84 15.35
C ASN A 17 -0.80 -6.40 13.93
N ASP A 18 -1.96 -6.54 13.28
CA ASP A 18 -2.07 -7.01 11.86
CA ASP A 18 -2.08 -6.99 11.86
C ASP A 18 -1.21 -6.07 10.97
N GLY A 19 -1.49 -4.77 10.99
CA GLY A 19 -0.71 -3.69 10.34
C GLY A 19 -0.91 -3.56 8.84
N PHE A 20 -2.02 -4.00 8.27
CA PHE A 20 -2.19 -3.98 6.80
C PHE A 20 -3.01 -2.75 6.39
N VAL A 21 -2.61 -2.11 5.31
CA VAL A 21 -3.39 -1.07 4.58
C VAL A 21 -3.51 -1.46 3.11
N ARG A 22 -4.51 -0.90 2.46
CA ARG A 22 -4.74 -1.04 1.04
C ARG A 22 -4.62 0.33 0.39
N LEU A 23 -3.91 0.39 -0.74
CA LEU A 23 -3.70 1.64 -1.50
C LEU A 23 -4.56 1.56 -2.74
N ARG A 24 -4.90 2.75 -3.23
CA ARG A 24 -5.53 2.87 -4.53
C ARG A 24 -5.00 4.15 -5.16
N GLY A 25 -4.92 4.21 -6.50
CA GLY A 25 -4.46 5.42 -7.20
C GLY A 25 -2.97 5.44 -7.50
N LEU A 26 -2.24 4.39 -7.14
CA LEU A 26 -0.80 4.42 -7.52
C LEU A 26 -0.67 4.62 -9.03
N PRO A 27 0.33 5.36 -9.49
CA PRO A 27 0.71 5.38 -10.89
C PRO A 27 0.86 3.97 -11.46
N PHE A 28 0.48 3.83 -12.73
CA PHE A 28 0.72 2.56 -13.44
C PHE A 28 2.25 2.31 -13.43
N GLY A 29 2.62 1.10 -13.04
CA GLY A 29 4.06 0.78 -12.96
C GLY A 29 4.82 1.50 -11.82
N CYS A 30 4.12 2.06 -10.84
CA CYS A 30 4.70 2.56 -9.58
C CYS A 30 5.62 1.50 -9.01
N SER A 31 6.77 1.93 -8.56
CA SER A 31 7.80 1.03 -8.03
C SER A 31 7.67 0.87 -6.50
N LYS A 32 8.23 -0.22 -5.96
CA LYS A 32 8.33 -0.38 -4.48
C LYS A 32 9.17 0.75 -3.86
N GLU A 33 10.22 1.23 -4.59
CA GLU A 33 11.09 2.32 -4.09
C GLU A 33 10.20 3.53 -3.77
N GLU A 34 9.29 3.85 -4.69
CA GLU A 34 8.40 5.02 -4.52
C GLU A 34 7.42 4.81 -3.36
N ILE A 35 6.94 3.59 -3.20
CA ILE A 35 5.92 3.32 -2.14
C ILE A 35 6.60 3.35 -0.78
N VAL A 36 7.78 2.74 -0.66
CA VAL A 36 8.48 2.77 0.65
C VAL A 36 8.79 4.21 1.07
N GLN A 37 9.33 5.00 0.13
CA GLN A 37 9.74 6.38 0.45
CA GLN A 37 9.74 6.39 0.44
C GLN A 37 8.51 7.26 0.71
N PHE A 38 7.40 6.96 0.06
CA PHE A 38 6.12 7.63 0.38
C PHE A 38 5.79 7.45 1.86
N PHE A 39 6.11 6.26 2.39
CA PHE A 39 5.88 5.92 3.82
C PHE A 39 7.15 6.06 4.65
N SER A 40 8.03 6.97 4.29
CA SER A 40 9.37 7.07 4.96
CA SER A 40 9.36 7.09 4.95
C SER A 40 9.17 7.12 6.48
N GLY A 41 9.95 6.32 7.23
CA GLY A 41 9.93 6.32 8.70
C GLY A 41 8.80 5.47 9.28
N LEU A 42 7.99 4.86 8.44
CA LEU A 42 6.97 3.90 8.89
C LEU A 42 7.41 2.53 8.41
N GLU A 43 7.82 1.68 9.35
CA GLU A 43 8.48 0.41 9.03
C GLU A 43 7.54 -0.56 8.33
N ILE A 44 7.95 -0.99 7.16
CA ILE A 44 7.28 -2.00 6.34
C ILE A 44 8.03 -3.31 6.54
N VAL A 45 7.30 -4.40 6.69
CA VAL A 45 8.00 -5.68 6.92
C VAL A 45 8.65 -6.12 5.62
N PRO A 46 9.61 -7.07 5.67
CA PRO A 46 10.19 -7.61 4.44
C PRO A 46 9.13 -8.15 3.46
N ASN A 47 9.24 -7.73 2.20
CA ASN A 47 8.26 -8.12 1.16
CA ASN A 47 8.26 -8.11 1.15
C ASN A 47 6.87 -7.62 1.57
N GLY A 48 6.80 -6.55 2.36
CA GLY A 48 5.52 -6.07 2.89
C GLY A 48 4.64 -5.38 1.86
N ILE A 49 5.13 -5.03 0.69
CA ILE A 49 4.29 -4.44 -0.37
C ILE A 49 3.88 -5.53 -1.33
N THR A 50 2.57 -5.75 -1.45
CA THR A 50 2.01 -6.73 -2.39
C THR A 50 1.40 -5.97 -3.58
N LEU A 51 1.98 -6.14 -4.75
CA LEU A 51 1.52 -5.49 -6.00
C LEU A 51 0.65 -6.44 -6.81
N PRO A 52 -0.36 -5.95 -7.52
N PRO A 52 -0.34 -5.93 -7.57
CA PRO A 52 -1.03 -6.74 -8.54
CA PRO A 52 -1.40 -6.74 -8.19
C PRO A 52 0.01 -7.04 -9.62
C PRO A 52 -0.98 -7.54 -9.43
N VAL A 53 -0.05 -8.25 -10.15
N VAL A 53 -1.65 -8.68 -9.69
CA VAL A 53 0.69 -8.63 -11.39
CA VAL A 53 -1.25 -9.62 -10.78
C VAL A 53 -0.30 -8.63 -12.54
C VAL A 53 -1.89 -9.16 -12.09
N ASP A 54 -1.53 -8.18 -12.31
N ASP A 54 -2.92 -8.34 -11.99
CA ASP A 54 -2.57 -8.10 -13.37
CA ASP A 54 -3.81 -8.07 -13.14
C ASP A 54 -2.83 -6.63 -13.78
C ASP A 54 -3.58 -6.64 -13.61
N PHE A 55 -3.46 -6.46 -14.93
CA PHE A 55 -3.62 -5.13 -15.57
C PHE A 55 -4.71 -4.29 -14.89
N GLN A 56 -5.87 -4.85 -14.51
CA GLN A 56 -6.94 -4.01 -13.89
CA GLN A 56 -6.96 -4.14 -13.81
C GLN A 56 -6.39 -3.50 -12.54
N GLY A 57 -5.75 -4.34 -11.71
CA GLY A 57 -5.20 -3.90 -10.42
C GLY A 57 -4.15 -2.83 -10.62
N ARG A 58 -3.33 -2.99 -11.64
CA ARG A 58 -2.26 -2.01 -11.94
CA ARG A 58 -2.27 -2.01 -11.93
C ARG A 58 -2.91 -0.71 -12.42
N SER A 59 -4.01 -0.81 -13.17
CA SER A 59 -4.70 0.40 -13.70
C SER A 59 -5.37 1.17 -12.54
N THR A 60 -6.02 0.45 -11.64
CA THR A 60 -6.60 0.99 -10.38
C THR A 60 -5.45 1.62 -9.56
N GLY A 61 -4.30 1.02 -9.60
CA GLY A 61 -3.16 1.46 -8.77
C GLY A 61 -3.33 0.91 -7.37
N GLU A 62 -3.75 -0.34 -7.26
CA GLU A 62 -3.91 -1.00 -5.95
CA GLU A 62 -3.93 -1.06 -5.97
C GLU A 62 -2.60 -1.59 -5.46
N ALA A 63 -2.49 -1.63 -4.17
CA ALA A 63 -1.42 -2.41 -3.51
C ALA A 63 -1.88 -2.69 -2.09
N PHE A 64 -1.25 -3.63 -1.45
CA PHE A 64 -1.40 -3.79 0.00
C PHE A 64 -0.02 -3.57 0.60
N VAL A 65 0.00 -2.97 1.77
CA VAL A 65 1.23 -2.72 2.53
C VAL A 65 1.04 -3.24 3.95
N GLN A 66 2.01 -4.06 4.34
CA GLN A 66 2.04 -4.61 5.70
C GLN A 66 3.14 -3.89 6.49
N PHE A 67 2.73 -3.05 7.43
CA PHE A 67 3.60 -2.37 8.39
C PHE A 67 3.94 -3.33 9.52
N ALA A 68 4.97 -2.96 10.26
CA ALA A 68 5.52 -3.82 11.32
C ALA A 68 4.59 -3.91 12.53
N SER A 69 3.63 -3.01 12.69
CA SER A 69 2.60 -3.06 13.76
C SER A 69 1.33 -2.33 13.31
N GLN A 70 0.22 -2.51 14.03
CA GLN A 70 -1.06 -1.77 13.83
CA GLN A 70 -1.02 -1.76 13.72
C GLN A 70 -0.81 -0.29 14.11
N GLU A 71 0.00 -0.02 15.16
CA GLU A 71 0.30 1.37 15.57
C GLU A 71 0.97 2.10 14.39
N ILE A 72 1.89 1.45 13.70
CA ILE A 72 2.58 2.04 12.51
C ILE A 72 1.55 2.20 11.38
N ALA A 73 0.72 1.19 11.14
CA ALA A 73 -0.29 1.24 10.07
C ALA A 73 -1.28 2.38 10.35
N GLU A 74 -1.61 2.65 11.60
CA GLU A 74 -2.54 3.75 11.94
CA GLU A 74 -2.55 3.75 11.94
C GLU A 74 -1.92 5.09 11.52
N LYS A 75 -0.62 5.26 11.73
CA LYS A 75 0.08 6.47 11.27
C LYS A 75 0.06 6.53 9.72
N ALA A 76 0.25 5.41 9.03
CA ALA A 76 0.23 5.38 7.55
C ALA A 76 -1.12 5.90 7.02
N LEU A 77 -2.20 5.57 7.73
CA LEU A 77 -3.54 5.97 7.27
C LEU A 77 -3.65 7.51 7.13
N LYS A 78 -2.88 8.26 7.90
CA LYS A 78 -2.92 9.75 7.86
C LYS A 78 -2.33 10.34 6.57
N LYS A 79 -1.64 9.57 5.75
CA LYS A 79 -1.00 10.06 4.50
C LYS A 79 -1.99 10.04 3.30
N HIS A 80 -3.24 9.73 3.60
CA HIS A 80 -4.30 9.71 2.55
C HIS A 80 -4.26 10.97 1.68
N LYS A 81 -4.10 10.82 0.36
CA LYS A 81 -4.12 11.93 -0.65
CA LYS A 81 -4.12 11.88 -0.69
C LYS A 81 -2.78 12.66 -0.77
N GLU A 82 -1.73 12.19 -0.07
CA GLU A 82 -0.38 12.66 -0.42
C GLU A 82 -0.09 12.08 -1.80
N ARG A 83 0.93 12.60 -2.46
CA ARG A 83 1.17 12.28 -3.87
CA ARG A 83 1.17 12.27 -3.88
C ARG A 83 2.36 11.33 -4.05
N ILE A 84 2.31 10.53 -5.10
CA ILE A 84 3.49 9.96 -5.79
C ILE A 84 3.40 10.56 -7.21
N GLY A 85 4.40 11.32 -7.60
CA GLY A 85 4.35 12.13 -8.82
C GLY A 85 3.03 12.89 -8.88
N HIS A 86 2.29 12.67 -9.94
CA HIS A 86 1.05 13.44 -10.26
C HIS A 86 -0.16 12.84 -9.53
N ARG A 87 -0.03 11.67 -8.90
CA ARG A 87 -1.20 10.92 -8.42
C ARG A 87 -1.38 11.10 -6.91
N TYR A 88 -2.63 11.25 -6.52
CA TYR A 88 -3.06 11.35 -5.13
C TYR A 88 -3.35 9.93 -4.66
N ILE A 89 -2.60 9.46 -3.68
CA ILE A 89 -2.68 8.06 -3.24
C ILE A 89 -3.74 7.92 -2.12
N GLU A 90 -4.74 7.07 -2.34
CA GLU A 90 -5.81 6.75 -1.40
C GLU A 90 -5.38 5.59 -0.51
N ILE A 91 -5.69 5.70 0.76
CA ILE A 91 -5.19 4.75 1.79
C ILE A 91 -6.35 4.31 2.66
N PHE A 92 -6.53 3.01 2.75
CA PHE A 92 -7.66 2.36 3.41
C PHE A 92 -7.19 1.34 4.43
N LYS A 93 -7.90 1.20 5.55
CA LYS A 93 -7.69 0.06 6.44
C LYS A 93 -7.87 -1.24 5.66
N SER A 94 -7.06 -2.25 6.01
CA SER A 94 -7.10 -3.61 5.42
C SER A 94 -6.80 -4.66 6.50
N SER A 95 -6.50 -5.90 6.08
CA SER A 95 -6.28 -7.07 6.97
C SER A 95 -5.50 -8.18 6.24
N ARG A 96 -4.89 -9.10 6.98
CA ARG A 96 -4.17 -10.27 6.41
CA ARG A 96 -4.17 -10.27 6.41
C ARG A 96 -5.13 -11.05 5.50
N ALA A 97 -6.35 -11.25 5.97
CA ALA A 97 -7.41 -12.00 5.25
C ALA A 97 -7.61 -11.39 3.87
N GLU A 98 -7.70 -10.06 3.81
CA GLU A 98 -7.99 -9.37 2.54
C GLU A 98 -6.79 -9.49 1.58
N VAL A 99 -5.56 -9.43 2.09
CA VAL A 99 -4.34 -9.53 1.24
C VAL A 99 -4.27 -10.92 0.60
N ARG A 100 -4.63 -11.96 1.34
CA ARG A 100 -4.51 -13.37 0.88
CA ARG A 100 -4.52 -13.38 0.88
C ARG A 100 -5.66 -13.67 -0.10
N THR A 101 -6.86 -13.20 0.19
CA THR A 101 -8.09 -13.46 -0.62
C THR A 101 -8.69 -12.14 -1.09
N HIS A 102 -8.07 -11.51 -2.08
CA HIS A 102 -8.58 -10.33 -2.82
C HIS A 102 -8.60 -10.66 -4.31
I IOD B . -10.47 3.90 5.74
NA NA C . -9.28 -2.89 2.69
CL CL D . 1.10 15.67 -0.66
CL CL E . 0.23 -5.33 -17.08
CL CL F . 10.07 -5.66 -6.57
#